data_3F4F
#
_entry.id   3F4F
#
_cell.length_a   124.498
_cell.length_b   124.498
_cell.length_c   51.664
_cell.angle_alpha   90.00
_cell.angle_beta   90.00
_cell.angle_gamma   90.00
#
_symmetry.space_group_name_H-M   'P 43 21 2'
#
loop_
_entity.id
_entity.type
_entity.pdbx_description
1 polymer "Deoxyuridine 5'-triphosphate nucleotidohydrolase"
2 non-polymer "2'-DEOXYURIDINE 5'-MONOPHOSPHATE"
3 non-polymer 'SODIUM ION'
4 non-polymer 1,2-ETHANEDIOL
5 non-polymer DI(HYDROXYETHYL)ETHER
6 water water
#
_entity_poly.entity_id   1
_entity_poly.type   'polypeptide(L)'
_entity_poly.pdbx_seq_one_letter_code
;MGSSHHHHHHSSGLVPRGSHMTATSDKVLKIQLRSASATVPTKGSATAAGYDIYASQDITIPAMGQGMVSTDISFTVPVG
TYGRIAPRSGLAVKNGIQTGAGVVDRDYTGEVKVVLFNHSQRDFAIKKGDRVAQLILEKIVDDAQIVVVDSLEESARGAG
GFGSTGN
;
_entity_poly.pdbx_strand_id   A,B,C
#
# COMPACT_ATOMS: atom_id res chain seq x y z
N ASP A 26 -12.93 9.18 16.14
CA ASP A 26 -13.72 10.27 15.50
C ASP A 26 -13.78 10.11 13.95
N LYS A 27 -14.45 11.06 13.30
CA LYS A 27 -14.57 11.10 11.86
C LYS A 27 -14.00 12.41 11.29
N VAL A 28 -13.35 13.22 12.11
CA VAL A 28 -12.97 14.54 11.66
C VAL A 28 -11.55 14.51 11.03
N LEU A 29 -11.42 15.02 9.80
CA LEU A 29 -10.12 15.21 9.18
C LEU A 29 -9.80 16.70 9.18
N LYS A 30 -8.82 17.10 9.98
CA LYS A 30 -8.52 18.53 10.06
C LYS A 30 -7.46 18.88 9.02
N ILE A 31 -7.72 19.92 8.24
CA ILE A 31 -6.80 20.36 7.18
C ILE A 31 -6.37 21.80 7.44
N GLN A 32 -5.05 22.04 7.36
CA GLN A 32 -4.51 23.38 7.38
C GLN A 32 -3.97 23.73 5.98
N LEU A 33 -4.40 24.89 5.49
CA LEU A 33 -3.95 25.38 4.20
C LEU A 33 -2.80 26.35 4.50
N ARG A 34 -1.60 25.98 4.08
CA ARG A 34 -0.42 26.79 4.42
C ARG A 34 -0.20 27.98 3.50
N SER A 35 -0.86 27.97 2.33
CA SER A 35 -0.73 29.09 1.38
C SER A 35 -1.92 29.15 0.46
N ALA A 36 -2.01 30.22 -0.33
CA ALA A 36 -3.08 30.37 -1.30
C ALA A 36 -2.97 29.34 -2.45
N SER A 37 -1.79 28.75 -2.62
CA SER A 37 -1.56 27.75 -3.67
C SER A 37 -2.09 26.35 -3.35
N ALA A 38 -2.44 26.10 -2.09
CA ALA A 38 -2.98 24.80 -1.69
C ALA A 38 -4.44 24.63 -2.14
N THR A 39 -4.87 23.38 -2.35
CA THR A 39 -6.29 23.08 -2.57
C THR A 39 -6.77 22.15 -1.46
N VAL A 40 -7.94 22.43 -0.90
CA VAL A 40 -8.62 21.51 0.00
C VAL A 40 -8.80 20.14 -0.70
N PRO A 41 -8.32 19.04 -0.12
CA PRO A 41 -8.60 17.75 -0.78
C PRO A 41 -10.10 17.48 -0.99
N THR A 42 -10.41 16.82 -2.10
CA THR A 42 -11.81 16.64 -2.49
C THR A 42 -12.17 15.16 -2.66
N LYS A 43 -13.43 14.85 -2.34
CA LYS A 43 -13.95 13.52 -2.54
C LYS A 43 -14.60 13.47 -3.92
N GLY A 44 -14.07 12.57 -4.73
CA GLY A 44 -14.31 12.54 -6.17
C GLY A 44 -15.56 11.81 -6.60
N SER A 45 -16.21 11.16 -5.64
CA SER A 45 -17.44 10.45 -5.90
C SER A 45 -18.09 10.09 -4.58
N ALA A 46 -19.34 9.66 -4.64
CA ALA A 46 -20.16 9.44 -3.44
C ALA A 46 -19.51 8.54 -2.39
N THR A 47 -18.94 7.39 -2.80
CA THR A 47 -18.28 6.50 -1.82
C THR A 47 -16.80 6.21 -2.21
N ALA A 48 -16.16 7.20 -2.82
CA ALA A 48 -14.72 7.18 -3.11
C ALA A 48 -13.94 6.72 -1.88
N ALA A 49 -12.89 5.92 -2.07
CA ALA A 49 -11.99 5.52 -0.99
C ALA A 49 -11.23 6.72 -0.40
N GLY A 50 -10.87 7.66 -1.28
CA GLY A 50 -9.86 8.63 -0.94
C GLY A 50 -10.21 10.05 -1.37
N TYR A 51 -9.35 11.01 -1.02
CA TYR A 51 -9.52 12.40 -1.41
C TYR A 51 -8.41 12.75 -2.35
N ASP A 52 -8.73 13.51 -3.41
CA ASP A 52 -7.72 13.98 -4.34
C ASP A 52 -6.77 14.96 -3.67
N ILE A 53 -5.48 14.74 -3.88
N ILE A 53 -5.47 14.75 -3.90
CA ILE A 53 -4.45 15.64 -3.42
CA ILE A 53 -4.43 15.63 -3.41
C ILE A 53 -3.96 16.41 -4.65
C ILE A 53 -3.86 16.40 -4.60
N TYR A 54 -3.80 17.72 -4.48
CA TYR A 54 -3.42 18.63 -5.56
C TYR A 54 -2.01 19.22 -5.36
N ALA A 55 -1.20 19.25 -6.45
CA ALA A 55 0.09 19.96 -6.43
C ALA A 55 -0.19 21.43 -6.14
N SER A 56 0.67 22.05 -5.33
CA SER A 56 0.57 23.48 -5.08
C SER A 56 1.67 24.21 -5.86
N GLN A 57 2.52 23.47 -6.58
CA GLN A 57 3.61 24.06 -7.32
C GLN A 57 3.99 23.13 -8.46
N ASP A 58 4.35 23.70 -9.63
CA ASP A 58 4.84 22.93 -10.79
C ASP A 58 6.07 22.12 -10.42
N ILE A 59 6.20 20.94 -11.00
CA ILE A 59 7.38 20.10 -10.84
C ILE A 59 7.44 19.05 -11.95
N THR A 60 8.64 18.67 -12.37
CA THR A 60 8.80 17.57 -13.29
C THR A 60 9.37 16.37 -12.54
N ILE A 61 8.75 15.22 -12.72
CA ILE A 61 9.31 13.97 -12.22
C ILE A 61 10.12 13.29 -13.36
N PRO A 62 11.45 13.14 -13.18
CA PRO A 62 12.26 12.59 -14.31
C PRO A 62 12.00 11.13 -14.59
N ALA A 63 12.13 10.77 -15.87
CA ALA A 63 12.02 9.42 -16.34
C ALA A 63 12.93 8.53 -15.50
N MET A 64 12.41 7.36 -15.10
N MET A 64 12.41 7.35 -15.12
CA MET A 64 13.15 6.36 -14.31
CA MET A 64 13.16 6.37 -14.33
C MET A 64 13.78 6.98 -13.05
C MET A 64 13.85 7.11 -13.17
N GLY A 65 13.07 7.95 -12.50
CA GLY A 65 13.59 8.79 -11.44
C GLY A 65 12.47 9.07 -10.46
N GLN A 66 12.58 10.17 -9.72
CA GLN A 66 11.60 10.44 -8.62
C GLN A 66 11.60 11.89 -8.30
N GLY A 67 10.60 12.33 -7.55
CA GLY A 67 10.63 13.70 -7.00
C GLY A 67 9.57 13.85 -5.93
N MET A 68 9.45 15.05 -5.38
CA MET A 68 8.54 15.32 -4.27
C MET A 68 7.61 16.44 -4.67
N VAL A 69 6.31 16.19 -4.65
CA VAL A 69 5.37 17.22 -5.02
C VAL A 69 4.93 17.99 -3.77
N SER A 70 5.00 19.32 -3.84
CA SER A 70 4.43 20.18 -2.79
C SER A 70 2.93 20.20 -2.83
N THR A 71 2.34 20.31 -1.65
CA THR A 71 0.88 20.48 -1.50
C THR A 71 0.50 21.74 -0.76
N ASP A 72 1.42 22.25 0.06
CA ASP A 72 1.12 23.35 0.99
C ASP A 72 -0.07 23.05 1.91
N ILE A 73 -0.25 21.77 2.25
CA ILE A 73 -1.25 21.40 3.24
C ILE A 73 -0.65 20.57 4.36
N SER A 74 -1.26 20.67 5.54
CA SER A 74 -0.98 19.80 6.67
C SER A 74 -2.34 19.26 7.07
N PHE A 75 -2.36 18.06 7.63
CA PHE A 75 -3.59 17.53 8.18
C PHE A 75 -3.40 16.63 9.39
N THR A 76 -4.48 16.48 10.18
CA THR A 76 -4.51 15.52 11.30
C THR A 76 -5.63 14.56 11.00
N VAL A 77 -5.28 13.31 10.71
CA VAL A 77 -6.27 12.27 10.40
C VAL A 77 -7.04 11.84 11.64
N PRO A 78 -8.23 11.21 11.47
CA PRO A 78 -9.01 10.76 12.63
C PRO A 78 -8.22 9.78 13.52
N VAL A 79 -8.56 9.74 14.80
CA VAL A 79 -8.03 8.72 15.69
C VAL A 79 -8.40 7.34 15.13
N GLY A 80 -7.45 6.40 15.18
CA GLY A 80 -7.64 5.06 14.70
C GLY A 80 -7.28 4.89 13.23
N THR A 81 -6.74 5.96 12.60
CA THR A 81 -6.29 5.91 11.22
C THR A 81 -4.87 6.46 11.05
N TYR A 82 -4.31 6.27 9.86
CA TYR A 82 -3.23 7.08 9.39
C TYR A 82 -3.66 7.53 8.00
N GLY A 83 -2.96 8.52 7.47
CA GLY A 83 -3.26 9.02 6.13
C GLY A 83 -2.32 8.33 5.13
N ARG A 84 -2.87 7.50 4.27
CA ARG A 84 -2.05 6.91 3.22
C ARG A 84 -2.12 7.72 1.93
N ILE A 85 -0.95 8.09 1.41
CA ILE A 85 -0.88 8.72 0.10
C ILE A 85 -0.74 7.58 -0.91
N ALA A 86 -1.79 7.45 -1.72
CA ALA A 86 -1.96 6.35 -2.62
C ALA A 86 -2.06 6.88 -4.04
N PRO A 87 -1.78 6.02 -5.05
CA PRO A 87 -1.75 6.46 -6.46
C PRO A 87 -3.11 6.91 -6.99
N ARG A 88 -3.05 7.91 -7.85
CA ARG A 88 -4.14 8.20 -8.76
C ARG A 88 -3.97 7.22 -9.90
N SER A 89 -5.00 6.41 -10.15
CA SER A 89 -4.94 5.32 -11.12
C SER A 89 -4.53 5.69 -12.54
N GLY A 90 -5.14 6.73 -13.12
CA GLY A 90 -4.75 7.18 -14.49
C GLY A 90 -3.27 7.50 -14.68
N LEU A 91 -2.63 8.05 -13.65
CA LEU A 91 -1.21 8.43 -13.78
C LEU A 91 -0.30 7.21 -13.84
N ALA A 92 -0.72 6.14 -13.18
CA ALA A 92 0.04 4.89 -13.16
C ALA A 92 0.07 4.32 -14.56
N VAL A 93 -1.12 4.17 -15.16
CA VAL A 93 -1.21 3.60 -16.52
C VAL A 93 -0.63 4.51 -17.61
N LYS A 94 -1.06 5.77 -17.62
CA LYS A 94 -0.64 6.69 -18.69
C LYS A 94 0.83 7.10 -18.60
N ASN A 95 1.33 7.27 -17.38
CA ASN A 95 2.60 7.94 -17.19
C ASN A 95 3.62 7.15 -16.37
N GLY A 96 3.24 5.97 -15.89
CA GLY A 96 4.20 5.14 -15.11
C GLY A 96 4.48 5.67 -13.72
N ILE A 97 3.50 6.36 -13.15
CA ILE A 97 3.68 7.02 -11.90
C ILE A 97 3.21 6.16 -10.74
N GLN A 98 4.05 6.08 -9.70
CA GLN A 98 3.77 5.30 -8.51
C GLN A 98 4.10 6.18 -7.31
N THR A 99 3.26 6.15 -6.29
CA THR A 99 3.58 6.86 -5.07
C THR A 99 4.63 6.10 -4.29
N GLY A 100 5.55 6.86 -3.68
CA GLY A 100 6.57 6.34 -2.77
C GLY A 100 6.23 6.72 -1.34
N ALA A 101 6.97 6.18 -0.36
CA ALA A 101 6.74 6.50 1.05
C ALA A 101 5.24 6.33 1.33
N GLY A 102 4.55 7.39 1.74
CA GLY A 102 3.06 7.39 1.76
C GLY A 102 2.37 7.23 3.11
N VAL A 103 3.15 7.03 4.17
CA VAL A 103 2.53 6.83 5.46
C VAL A 103 2.52 8.17 6.17
N VAL A 104 1.36 8.81 6.31
CA VAL A 104 1.34 10.07 7.09
C VAL A 104 0.86 9.80 8.52
N ASP A 105 1.72 10.01 9.50
CA ASP A 105 1.31 9.74 10.90
C ASP A 105 0.30 10.76 11.43
N ARG A 106 -0.54 10.33 12.36
CA ARG A 106 -1.53 11.22 12.94
C ARG A 106 -0.93 12.42 13.71
N ASP A 107 0.28 12.26 14.25
CA ASP A 107 0.94 13.37 14.98
C ASP A 107 1.77 14.29 14.06
N TYR A 108 1.72 14.08 12.74
CA TYR A 108 2.53 14.91 11.84
C TYR A 108 1.86 16.26 11.57
N THR A 109 2.58 17.36 11.82
CA THR A 109 2.03 18.68 11.52
C THR A 109 2.85 19.48 10.46
N GLY A 110 3.80 18.84 9.80
CA GLY A 110 4.60 19.51 8.77
C GLY A 110 3.81 19.52 7.45
N GLU A 111 4.37 20.11 6.42
CA GLU A 111 3.72 20.02 5.10
C GLU A 111 3.75 18.56 4.61
N VAL A 112 2.60 18.09 4.14
CA VAL A 112 2.55 16.76 3.55
C VAL A 112 3.09 16.87 2.13
N LYS A 113 4.06 16.03 1.81
CA LYS A 113 4.69 16.00 0.47
C LYS A 113 4.34 14.67 -0.23
N VAL A 114 4.08 14.74 -1.54
CA VAL A 114 3.79 13.50 -2.26
C VAL A 114 5.09 13.03 -2.92
N VAL A 115 5.57 11.86 -2.54
CA VAL A 115 6.74 11.27 -3.17
C VAL A 115 6.26 10.47 -4.40
N LEU A 116 6.83 10.79 -5.57
CA LEU A 116 6.46 10.08 -6.81
C LEU A 116 7.67 9.39 -7.44
N PHE A 117 7.51 8.10 -7.78
CA PHE A 117 8.43 7.41 -8.65
C PHE A 117 7.86 7.46 -10.06
N ASN A 118 8.70 7.75 -11.04
CA ASN A 118 8.30 7.69 -12.47
C ASN A 118 9.05 6.51 -13.08
N HIS A 119 8.31 5.45 -13.38
CA HIS A 119 8.94 4.24 -13.91
C HIS A 119 8.94 4.23 -15.45
N SER A 120 8.49 5.31 -16.07
CA SER A 120 8.46 5.32 -17.51
C SER A 120 9.73 5.98 -18.07
N GLN A 121 9.84 5.98 -19.40
CA GLN A 121 10.98 6.55 -20.08
C GLN A 121 10.79 8.03 -20.41
N ARG A 122 9.64 8.60 -20.05
CA ARG A 122 9.40 10.01 -20.31
C ARG A 122 9.28 10.77 -19.00
N ASP A 123 9.91 11.95 -18.92
CA ASP A 123 9.68 12.86 -17.80
C ASP A 123 8.19 13.15 -17.71
N PHE A 124 7.67 13.30 -16.49
CA PHE A 124 6.29 13.63 -16.28
C PHE A 124 6.11 15.07 -15.74
N ALA A 125 5.42 15.94 -16.51
CA ALA A 125 5.15 17.32 -16.08
C ALA A 125 3.93 17.44 -15.17
N ILE A 126 4.12 18.10 -14.04
CA ILE A 126 3.03 18.35 -13.11
C ILE A 126 2.87 19.88 -12.98
N LYS A 127 1.64 20.37 -13.12
CA LYS A 127 1.36 21.79 -12.89
C LYS A 127 0.63 22.02 -11.56
N LYS A 128 0.89 23.14 -10.91
CA LYS A 128 0.07 23.60 -9.81
C LYS A 128 -1.44 23.35 -10.10
N GLY A 129 -2.14 22.72 -9.15
CA GLY A 129 -3.58 22.40 -9.28
C GLY A 129 -3.93 21.07 -9.91
N ASP A 130 -2.93 20.36 -10.44
CA ASP A 130 -3.13 18.98 -10.94
C ASP A 130 -3.38 18.03 -9.77
N ARG A 131 -4.22 17.02 -10.00
CA ARG A 131 -4.47 15.97 -8.99
C ARG A 131 -3.35 14.93 -9.17
N VAL A 132 -2.53 14.71 -8.13
CA VAL A 132 -1.30 13.92 -8.29
C VAL A 132 -1.30 12.60 -7.50
N ALA A 133 -2.29 12.44 -6.62
CA ALA A 133 -2.39 11.26 -5.72
C ALA A 133 -3.71 11.35 -4.97
N GLN A 134 -3.94 10.39 -4.09
CA GLN A 134 -5.10 10.47 -3.22
C GLN A 134 -4.73 10.16 -1.79
N LEU A 135 -5.52 10.71 -0.88
CA LEU A 135 -5.38 10.46 0.55
C LEU A 135 -6.44 9.49 1.01
N ILE A 136 -6.03 8.39 1.61
CA ILE A 136 -6.96 7.40 2.13
C ILE A 136 -6.79 7.37 3.63
N LEU A 137 -7.91 7.45 4.35
CA LEU A 137 -7.91 7.33 5.83
C LEU A 137 -7.97 5.87 6.26
N GLU A 138 -6.82 5.20 6.16
CA GLU A 138 -6.74 3.76 6.47
C GLU A 138 -6.97 3.48 7.97
N LYS A 139 -7.91 2.61 8.32
CA LYS A 139 -8.10 2.23 9.72
C LYS A 139 -7.00 1.25 10.10
N ILE A 140 -6.44 1.42 11.29
CA ILE A 140 -5.35 0.58 11.76
C ILE A 140 -5.53 0.32 13.24
N VAL A 141 -4.76 -0.63 13.76
CA VAL A 141 -4.67 -0.72 15.20
C VAL A 141 -3.47 0.14 15.60
N ASP A 142 -3.76 1.27 16.25
CA ASP A 142 -2.73 2.25 16.60
C ASP A 142 -2.40 2.29 18.10
N ASP A 143 -3.01 1.37 18.86
CA ASP A 143 -2.75 1.21 20.29
C ASP A 143 -2.41 -0.25 20.66
N ALA A 144 -1.66 -0.95 19.81
CA ALA A 144 -1.35 -2.35 20.10
C ALA A 144 -0.32 -2.52 21.24
N GLN A 145 -0.42 -3.64 21.95
CA GLN A 145 0.53 -3.95 22.99
C GLN A 145 1.43 -5.01 22.41
N ILE A 146 2.73 -4.73 22.36
CA ILE A 146 3.72 -5.73 21.96
C ILE A 146 3.99 -6.71 23.09
N VAL A 147 3.83 -7.99 22.80
CA VAL A 147 4.14 -9.04 23.74
C VAL A 147 5.19 -9.91 23.07
N VAL A 148 6.35 -10.05 23.72
CA VAL A 148 7.34 -11.02 23.26
C VAL A 148 6.96 -12.43 23.70
N VAL A 149 6.98 -13.36 22.75
CA VAL A 149 6.55 -14.75 22.94
C VAL A 149 7.60 -15.75 22.43
N ASP A 150 7.51 -16.97 22.97
N ASP A 150 7.58 -16.98 22.95
CA ASP A 150 8.38 -18.09 22.68
CA ASP A 150 8.56 -17.99 22.53
C ASP A 150 8.22 -18.64 21.26
C ASP A 150 8.25 -18.52 21.14
N SER A 151 6.96 -18.73 20.86
CA SER A 151 6.55 -19.28 19.58
C SER A 151 5.16 -18.76 19.26
N LEU A 152 4.72 -18.94 18.03
CA LEU A 152 3.42 -18.50 17.59
C LEU A 152 2.46 -19.70 17.48
N GLU A 153 1.15 -19.41 17.51
CA GLU A 153 0.10 -20.43 17.33
C GLU A 153 0.29 -21.20 16.02
N GLU A 154 0.27 -22.53 16.10
CA GLU A 154 0.43 -23.37 14.92
C GLU A 154 -0.66 -23.11 13.89
N SER A 155 -0.27 -22.93 12.64
CA SER A 155 -1.24 -22.70 11.59
C SER A 155 -0.96 -23.66 10.44
N ALA A 156 -1.95 -23.88 9.58
CA ALA A 156 -1.72 -24.69 8.39
C ALA A 156 -0.73 -24.03 7.40
N ARG A 157 -0.82 -22.72 7.24
CA ARG A 157 0.15 -21.97 6.45
C ARG A 157 1.55 -22.20 7.00
N GLY A 158 1.70 -22.10 8.33
CA GLY A 158 3.00 -22.22 8.98
C GLY A 158 3.99 -21.20 8.44
N ALA A 159 5.18 -21.70 8.08
CA ALA A 159 6.32 -20.87 7.59
C ALA A 159 6.30 -20.65 6.10
N GLY A 160 5.24 -21.13 5.44
CA GLY A 160 5.18 -21.05 3.98
C GLY A 160 4.92 -19.63 3.52
N GLY A 161 5.78 -19.13 2.63
CA GLY A 161 5.62 -17.77 2.12
C GLY A 161 6.37 -17.65 0.81
N PHE A 162 6.08 -16.62 0.03
CA PHE A 162 6.75 -16.41 -1.28
C PHE A 162 6.59 -17.59 -2.27
N GLY A 163 5.42 -18.22 -2.26
CA GLY A 163 5.15 -19.37 -3.15
C GLY A 163 4.89 -18.97 -4.60
N ASP B 26 -23.81 -7.66 5.63
CA ASP B 26 -23.00 -6.40 5.56
C ASP B 26 -21.49 -6.66 5.61
N LYS B 27 -21.13 -7.94 5.54
CA LYS B 27 -19.75 -8.41 5.29
C LYS B 27 -19.63 -9.13 3.95
N VAL B 28 -20.45 -8.79 2.97
CA VAL B 28 -20.50 -9.53 1.73
C VAL B 28 -19.67 -8.83 0.67
N LEU B 29 -18.84 -9.59 -0.05
CA LEU B 29 -18.13 -9.10 -1.21
C LEU B 29 -18.85 -9.65 -2.47
N LYS B 30 -19.46 -8.77 -3.26
CA LYS B 30 -20.24 -9.22 -4.43
C LYS B 30 -19.38 -9.19 -5.67
N ILE B 31 -19.36 -10.29 -6.39
CA ILE B 31 -18.50 -10.41 -7.58
C ILE B 31 -19.37 -10.64 -8.79
N GLN B 32 -19.18 -9.81 -9.80
CA GLN B 32 -19.79 -10.05 -11.10
C GLN B 32 -18.75 -10.65 -12.04
N LEU B 33 -19.06 -11.83 -12.57
CA LEU B 33 -18.25 -12.50 -13.59
C LEU B 33 -18.73 -12.00 -14.94
N ARG B 34 -17.85 -11.28 -15.61
CA ARG B 34 -18.20 -10.62 -16.87
C ARG B 34 -18.06 -11.53 -18.08
N SER B 35 -17.40 -12.67 -17.91
CA SER B 35 -17.27 -13.66 -18.99
C SER B 35 -16.89 -15.04 -18.46
N ALA B 36 -16.87 -16.02 -19.35
CA ALA B 36 -16.46 -17.39 -19.02
C ALA B 36 -14.99 -17.46 -18.60
N SER B 37 -14.19 -16.49 -19.05
CA SER B 37 -12.76 -16.43 -18.72
C SER B 37 -12.44 -15.95 -17.30
N ALA B 38 -13.38 -15.30 -16.65
CA ALA B 38 -13.15 -14.75 -15.33
C ALA B 38 -13.16 -15.86 -14.27
N THR B 39 -12.42 -15.64 -13.19
CA THR B 39 -12.38 -16.58 -12.06
C THR B 39 -12.74 -15.81 -10.80
N VAL B 40 -13.66 -16.35 -9.97
CA VAL B 40 -13.90 -15.72 -8.66
C VAL B 40 -12.60 -15.70 -7.84
N PRO B 41 -12.24 -14.52 -7.30
CA PRO B 41 -11.04 -14.48 -6.46
C PRO B 41 -11.13 -15.45 -5.26
N THR B 42 -9.99 -15.99 -4.83
CA THR B 42 -9.96 -17.00 -3.76
C THR B 42 -8.90 -16.75 -2.68
N LYS B 43 -9.23 -17.09 -1.44
N LYS B 43 -9.25 -17.08 -1.43
CA LYS B 43 -8.24 -17.07 -0.38
CA LYS B 43 -8.27 -17.11 -0.33
C LYS B 43 -7.25 -18.22 -0.51
C LYS B 43 -7.25 -18.22 -0.54
N GLY B 44 -5.98 -17.93 -0.26
CA GLY B 44 -4.91 -18.93 -0.36
C GLY B 44 -4.52 -19.58 0.96
N SER B 45 -5.06 -19.12 2.10
CA SER B 45 -4.84 -19.82 3.37
C SER B 45 -6.01 -19.52 4.28
N ALA B 46 -6.12 -20.25 5.39
CA ALA B 46 -7.28 -20.13 6.27
C ALA B 46 -7.48 -18.69 6.76
N THR B 47 -6.41 -17.98 7.13
N THR B 47 -6.36 -18.02 7.08
CA THR B 47 -6.63 -16.56 7.47
CA THR B 47 -6.40 -16.65 7.58
C THR B 47 -5.76 -15.60 6.64
C THR B 47 -5.64 -15.65 6.65
N ALA B 48 -5.72 -15.87 5.34
CA ALA B 48 -5.09 -14.98 4.37
C ALA B 48 -5.77 -13.63 4.45
N ALA B 49 -4.96 -12.58 4.40
CA ALA B 49 -5.46 -11.22 4.33
C ALA B 49 -6.22 -10.93 3.05
N GLY B 50 -5.83 -11.61 1.96
CA GLY B 50 -6.30 -11.23 0.60
C GLY B 50 -6.93 -12.34 -0.24
N TYR B 51 -7.66 -11.94 -1.28
CA TYR B 51 -8.19 -12.87 -2.27
C TYR B 51 -7.35 -12.82 -3.53
N ASP B 52 -6.80 -13.95 -3.96
CA ASP B 52 -6.03 -13.92 -5.18
C ASP B 52 -6.86 -13.55 -6.38
N ILE B 53 -6.31 -12.66 -7.20
CA ILE B 53 -7.00 -12.17 -8.42
C ILE B 53 -6.40 -12.90 -9.62
N TYR B 54 -7.27 -13.41 -10.50
CA TYR B 54 -6.85 -14.21 -11.64
C TYR B 54 -6.88 -13.46 -12.98
N ALA B 55 -5.82 -13.58 -13.79
CA ALA B 55 -5.84 -13.13 -15.18
C ALA B 55 -6.94 -13.85 -15.96
N SER B 56 -7.72 -13.09 -16.72
CA SER B 56 -8.71 -13.66 -17.63
C SER B 56 -8.20 -13.75 -19.05
N GLN B 57 -7.10 -13.03 -19.33
N GLN B 57 -7.15 -12.99 -19.38
CA GLN B 57 -6.46 -12.99 -20.67
CA GLN B 57 -6.47 -13.20 -20.67
C GLN B 57 -4.93 -13.05 -20.57
C GLN B 57 -4.96 -13.05 -20.61
N ASP B 58 -4.29 -13.76 -21.50
CA ASP B 58 -2.83 -13.77 -21.64
C ASP B 58 -2.30 -12.37 -21.85
N ILE B 59 -1.14 -12.12 -21.28
CA ILE B 59 -0.45 -10.86 -21.53
C ILE B 59 0.98 -10.99 -21.03
N THR B 60 1.88 -10.18 -21.58
CA THR B 60 3.25 -10.15 -21.09
C THR B 60 3.57 -8.77 -20.54
N ILE B 61 4.13 -8.71 -19.33
CA ILE B 61 4.63 -7.45 -18.76
C ILE B 61 6.13 -7.31 -19.06
N PRO B 62 6.50 -6.33 -19.87
CA PRO B 62 7.91 -6.32 -20.29
C PRO B 62 8.85 -5.93 -19.17
N ALA B 63 10.06 -6.52 -19.23
CA ALA B 63 11.18 -6.12 -18.40
C ALA B 63 11.27 -4.59 -18.29
N MET B 64 11.40 -4.10 -17.06
CA MET B 64 11.52 -2.67 -16.77
C MET B 64 10.39 -1.86 -17.40
N GLY B 65 9.20 -2.44 -17.44
CA GLY B 65 8.06 -1.84 -18.13
C GLY B 65 6.83 -2.11 -17.29
N GLN B 66 5.67 -2.05 -17.93
CA GLN B 66 4.42 -2.25 -17.21
C GLN B 66 3.35 -2.77 -18.16
N GLY B 67 2.21 -3.13 -17.57
CA GLY B 67 1.05 -3.49 -18.35
C GLY B 67 -0.17 -3.58 -17.49
N MET B 68 -1.28 -3.88 -18.14
CA MET B 68 -2.58 -4.00 -17.49
C MET B 68 -3.12 -5.40 -17.73
N VAL B 69 -3.58 -6.04 -16.67
CA VAL B 69 -4.09 -7.40 -16.74
C VAL B 69 -5.62 -7.39 -16.66
N SER B 70 -6.26 -8.05 -17.62
CA SER B 70 -7.71 -8.19 -17.64
C SER B 70 -8.10 -9.25 -16.64
N THR B 71 -9.26 -9.07 -16.01
CA THR B 71 -9.76 -10.02 -15.01
C THR B 71 -11.15 -10.51 -15.43
N ASP B 72 -11.85 -9.68 -16.20
CA ASP B 72 -13.26 -9.86 -16.56
C ASP B 72 -14.12 -10.01 -15.30
N ILE B 73 -13.73 -9.32 -14.23
CA ILE B 73 -14.59 -9.26 -13.06
C ILE B 73 -14.89 -7.82 -12.67
N SER B 74 -16.05 -7.65 -12.06
CA SER B 74 -16.35 -6.44 -11.30
C SER B 74 -16.72 -6.88 -9.92
N PHE B 75 -16.54 -6.00 -8.93
CA PHE B 75 -16.93 -6.30 -7.55
C PHE B 75 -17.38 -5.06 -6.81
N THR B 76 -18.29 -5.24 -5.86
CA THR B 76 -18.62 -4.21 -4.87
C THR B 76 -18.10 -4.69 -3.51
N VAL B 77 -17.05 -4.02 -3.00
CA VAL B 77 -16.52 -4.30 -1.65
C VAL B 77 -17.54 -3.94 -0.50
N PRO B 78 -17.34 -4.48 0.72
CA PRO B 78 -18.25 -4.11 1.82
C PRO B 78 -18.21 -2.64 2.26
N VAL B 79 -19.31 -2.18 2.85
CA VAL B 79 -19.33 -0.83 3.39
C VAL B 79 -18.17 -0.70 4.38
N GLY B 80 -17.48 0.43 4.32
CA GLY B 80 -16.45 0.76 5.27
C GLY B 80 -15.10 0.30 4.76
N THR B 81 -15.03 -0.12 3.50
CA THR B 81 -13.75 -0.61 2.92
C THR B 81 -13.55 -0.07 1.50
N TYR B 82 -12.36 -0.28 0.96
CA TYR B 82 -12.15 -0.20 -0.49
C TYR B 82 -11.40 -1.47 -0.84
N GLY B 83 -11.31 -1.77 -2.14
CA GLY B 83 -10.54 -2.96 -2.52
C GLY B 83 -9.15 -2.52 -2.92
N ARG B 84 -8.13 -2.99 -2.20
CA ARG B 84 -6.74 -2.72 -2.56
C ARG B 84 -6.19 -3.90 -3.31
N ILE B 85 -5.73 -3.62 -4.52
CA ILE B 85 -5.05 -4.59 -5.36
C ILE B 85 -3.59 -4.56 -4.90
N ALA B 86 -3.22 -5.61 -4.17
CA ALA B 86 -1.91 -5.68 -3.50
C ALA B 86 -1.05 -6.74 -4.16
N PRO B 87 0.30 -6.66 -4.04
CA PRO B 87 1.16 -7.63 -4.75
C PRO B 87 1.11 -9.05 -4.15
N ARG B 88 1.19 -10.08 -4.98
CA ARG B 88 1.49 -11.44 -4.51
C ARG B 88 2.96 -11.50 -4.16
N SER B 89 3.30 -12.09 -3.00
N SER B 89 3.27 -12.14 -3.03
CA SER B 89 4.67 -12.05 -2.50
CA SER B 89 4.61 -12.10 -2.45
C SER B 89 5.66 -12.73 -3.44
C SER B 89 5.67 -12.78 -3.33
N GLY B 90 5.31 -13.94 -3.89
CA GLY B 90 6.16 -14.75 -4.76
C GLY B 90 6.53 -14.00 -6.01
N LEU B 91 5.57 -13.33 -6.66
CA LEU B 91 5.87 -12.61 -7.90
C LEU B 91 6.80 -11.41 -7.68
N ALA B 92 6.67 -10.74 -6.54
CA ALA B 92 7.60 -9.66 -6.21
C ALA B 92 9.06 -10.14 -6.18
N VAL B 93 9.32 -11.24 -5.47
CA VAL B 93 10.71 -11.69 -5.34
C VAL B 93 11.21 -12.48 -6.52
N LYS B 94 10.34 -13.30 -7.12
CA LYS B 94 10.75 -14.19 -8.19
C LYS B 94 10.72 -13.48 -9.53
N ASN B 95 9.82 -12.51 -9.67
CA ASN B 95 9.65 -11.87 -10.98
C ASN B 95 9.82 -10.34 -11.05
N GLY B 96 10.10 -9.73 -9.90
CA GLY B 96 10.23 -8.26 -9.84
C GLY B 96 8.92 -7.50 -10.01
N ILE B 97 7.81 -8.15 -9.71
CA ILE B 97 6.50 -7.52 -9.95
C ILE B 97 5.97 -6.72 -8.75
N GLN B 98 5.50 -5.52 -9.04
CA GLN B 98 4.85 -4.63 -8.09
C GLN B 98 3.53 -4.17 -8.72
N THR B 99 2.45 -4.15 -7.92
CA THR B 99 1.19 -3.60 -8.40
C THR B 99 1.31 -2.07 -8.47
N GLY B 100 0.73 -1.49 -9.50
CA GLY B 100 0.54 -0.05 -9.55
C GLY B 100 -0.91 0.31 -9.26
N ALA B 101 -1.20 1.61 -9.23
CA ALA B 101 -2.55 2.08 -8.89
C ALA B 101 -3.05 1.34 -7.66
N GLY B 102 -4.11 0.54 -7.77
CA GLY B 102 -4.47 -0.38 -6.68
C GLY B 102 -5.69 -0.05 -5.85
N VAL B 103 -6.21 1.17 -5.99
CA VAL B 103 -7.37 1.63 -5.21
C VAL B 103 -8.70 1.42 -5.98
N VAL B 104 -9.46 0.41 -5.60
CA VAL B 104 -10.79 0.18 -6.20
C VAL B 104 -11.88 0.70 -5.27
N ASP B 105 -12.58 1.73 -5.76
CA ASP B 105 -13.64 2.39 -4.98
C ASP B 105 -14.88 1.51 -4.84
N ARG B 106 -15.54 1.61 -3.69
CA ARG B 106 -16.79 0.80 -3.45
C ARG B 106 -17.86 1.05 -4.51
N ASP B 107 -17.90 2.25 -5.11
CA ASP B 107 -18.92 2.52 -6.15
C ASP B 107 -18.48 2.20 -7.60
N TYR B 108 -17.31 1.59 -7.77
CA TYR B 108 -16.86 1.23 -9.12
C TYR B 108 -17.57 -0.02 -9.65
N THR B 109 -18.16 0.07 -10.84
CA THR B 109 -18.81 -1.13 -11.42
C THR B 109 -18.19 -1.55 -12.76
N GLY B 110 -17.09 -0.91 -13.17
CA GLY B 110 -16.40 -1.29 -14.38
C GLY B 110 -15.66 -2.59 -14.17
N GLU B 111 -14.99 -3.07 -15.22
CA GLU B 111 -14.06 -4.19 -15.02
C GLU B 111 -12.88 -3.75 -14.20
N VAL B 112 -12.55 -4.55 -13.17
CA VAL B 112 -11.35 -4.30 -12.39
C VAL B 112 -10.14 -4.77 -13.15
N LYS B 113 -9.15 -3.89 -13.25
CA LYS B 113 -7.93 -4.11 -14.00
C LYS B 113 -6.73 -4.09 -13.05
N VAL B 114 -5.77 -4.99 -13.29
CA VAL B 114 -4.58 -5.07 -12.46
C VAL B 114 -3.42 -4.42 -13.21
N VAL B 115 -2.90 -3.35 -12.65
CA VAL B 115 -1.74 -2.64 -13.19
C VAL B 115 -0.48 -3.24 -12.59
N LEU B 116 0.43 -3.68 -13.45
CA LEU B 116 1.64 -4.29 -12.98
C LEU B 116 2.86 -3.55 -13.54
N PHE B 117 3.79 -3.24 -12.63
CA PHE B 117 5.13 -2.85 -12.99
C PHE B 117 6.06 -4.05 -12.87
N ASN B 118 6.94 -4.21 -13.85
CA ASN B 118 7.94 -5.27 -13.84
C ASN B 118 9.28 -4.58 -13.69
N HIS B 119 9.89 -4.74 -12.52
CA HIS B 119 11.17 -4.09 -12.17
C HIS B 119 12.37 -5.00 -12.41
N SER B 120 12.12 -6.13 -13.05
CA SER B 120 13.15 -7.13 -13.34
C SER B 120 13.57 -6.99 -14.80
N GLN B 121 14.65 -7.68 -15.16
CA GLN B 121 15.09 -7.78 -16.56
C GLN B 121 14.41 -8.89 -17.33
N ARG B 122 13.40 -9.52 -16.76
CA ARG B 122 12.74 -10.65 -17.39
C ARG B 122 11.29 -10.32 -17.76
N ASP B 123 10.93 -10.40 -19.05
CA ASP B 123 9.52 -10.30 -19.40
C ASP B 123 8.71 -11.27 -18.53
N PHE B 124 7.58 -10.82 -18.02
CA PHE B 124 6.77 -11.69 -17.15
C PHE B 124 5.54 -12.15 -17.93
N ALA B 125 5.55 -13.44 -18.31
CA ALA B 125 4.48 -13.99 -19.13
C ALA B 125 3.28 -14.38 -18.24
N ILE B 126 2.11 -13.86 -18.58
CA ILE B 126 0.92 -14.20 -17.83
C ILE B 126 -0.02 -14.97 -18.72
N LYS B 127 -0.61 -16.03 -18.18
CA LYS B 127 -1.63 -16.77 -18.90
C LYS B 127 -2.95 -16.65 -18.20
N LYS B 128 -4.00 -16.58 -18.99
CA LYS B 128 -5.34 -16.69 -18.47
C LYS B 128 -5.31 -17.77 -17.41
N GLY B 129 -5.85 -17.43 -16.23
CA GLY B 129 -5.93 -18.36 -15.09
C GLY B 129 -4.81 -18.24 -14.07
N ASP B 130 -3.78 -17.46 -14.39
CA ASP B 130 -2.69 -17.22 -13.45
C ASP B 130 -3.12 -16.22 -12.37
N ARG B 131 -2.65 -16.44 -11.16
CA ARG B 131 -2.85 -15.47 -10.08
C ARG B 131 -1.82 -14.36 -10.18
N VAL B 132 -2.29 -13.13 -10.16
CA VAL B 132 -1.55 -11.98 -10.66
C VAL B 132 -1.41 -10.85 -9.59
N ALA B 133 -2.25 -10.92 -8.56
CA ALA B 133 -2.30 -9.91 -7.48
C ALA B 133 -3.27 -10.46 -6.44
N GLN B 134 -3.48 -9.73 -5.37
CA GLN B 134 -4.46 -10.14 -4.38
C GLN B 134 -5.30 -8.95 -3.99
N LEU B 135 -6.58 -9.21 -3.69
CA LEU B 135 -7.51 -8.15 -3.29
C LEU B 135 -7.60 -8.12 -1.79
N ILE B 136 -7.36 -6.96 -1.19
CA ILE B 136 -7.49 -6.84 0.26
C ILE B 136 -8.60 -5.83 0.55
N LEU B 137 -9.56 -6.22 1.39
CA LEU B 137 -10.68 -5.37 1.79
C LEU B 137 -10.24 -4.48 2.96
N GLU B 138 -9.59 -3.35 2.62
CA GLU B 138 -8.95 -2.45 3.60
C GLU B 138 -10.05 -1.63 4.25
N LYS B 139 -10.10 -1.63 5.57
CA LYS B 139 -11.09 -0.83 6.29
C LYS B 139 -10.60 0.59 6.33
N ILE B 140 -11.52 1.56 6.13
CA ILE B 140 -11.18 2.97 6.06
C ILE B 140 -12.30 3.77 6.73
N VAL B 141 -12.00 5.03 7.05
CA VAL B 141 -13.07 5.97 7.40
C VAL B 141 -13.58 6.53 6.08
N ASP B 142 -14.79 6.14 5.70
CA ASP B 142 -15.38 6.60 4.45
C ASP B 142 -16.42 7.75 4.63
N ASP B 143 -16.68 8.16 5.87
CA ASP B 143 -17.68 9.18 6.17
C ASP B 143 -17.05 10.28 7.01
N ALA B 144 -15.80 10.60 6.72
CA ALA B 144 -15.12 11.66 7.48
C ALA B 144 -15.71 13.01 7.16
N GLN B 145 -15.61 13.92 8.10
CA GLN B 145 -15.92 15.32 7.88
C GLN B 145 -14.62 16.10 7.77
N ILE B 146 -14.45 16.83 6.66
CA ILE B 146 -13.28 17.67 6.46
C ILE B 146 -13.53 19.02 7.08
N VAL B 147 -12.60 19.43 7.93
CA VAL B 147 -12.74 20.68 8.67
C VAL B 147 -11.46 21.47 8.41
N VAL B 148 -11.60 22.73 7.97
CA VAL B 148 -10.40 23.53 7.71
C VAL B 148 -10.10 24.37 8.95
N VAL B 149 -8.84 24.31 9.40
CA VAL B 149 -8.42 24.96 10.64
C VAL B 149 -7.21 25.86 10.38
N ASP B 150 -7.02 26.87 11.22
CA ASP B 150 -5.85 27.75 11.12
C ASP B 150 -4.59 27.01 11.54
N SER B 151 -4.71 26.10 12.51
CA SER B 151 -3.56 25.35 13.01
C SER B 151 -3.98 24.01 13.59
N LEU B 152 -3.07 23.05 13.46
CA LEU B 152 -3.21 21.73 14.04
C LEU B 152 -2.76 21.71 15.48
N GLU B 153 -3.29 20.76 16.24
CA GLU B 153 -2.89 20.51 17.63
C GLU B 153 -1.39 20.20 17.72
N GLU B 154 -0.70 20.89 18.63
CA GLU B 154 0.74 20.73 18.80
C GLU B 154 1.15 19.31 19.23
N SER B 155 2.14 18.73 18.55
CA SER B 155 2.65 17.41 18.93
C SER B 155 4.15 17.43 19.15
N ALA B 156 4.67 16.40 19.83
CA ALA B 156 6.12 16.24 20.04
C ALA B 156 6.86 15.98 18.70
N ARG B 157 6.26 15.17 17.82
CA ARG B 157 6.74 14.99 16.43
C ARG B 157 6.77 16.31 15.66
N GLY B 158 5.70 17.10 15.77
CA GLY B 158 5.57 18.31 14.96
C GLY B 158 5.84 18.09 13.47
N ALA B 159 6.66 18.99 12.89
CA ALA B 159 7.01 18.96 11.46
C ALA B 159 8.11 17.95 11.10
N GLY B 160 8.47 17.08 12.05
CA GLY B 160 9.55 16.12 11.84
C GLY B 160 9.09 15.04 10.86
N GLY B 161 9.70 15.02 9.68
CA GLY B 161 9.36 14.02 8.66
C GLY B 161 10.59 13.62 7.87
N PHE B 162 10.53 12.46 7.19
CA PHE B 162 11.65 12.01 6.34
C PHE B 162 12.98 12.00 7.09
N GLY B 163 12.94 11.58 8.36
CA GLY B 163 14.13 11.59 9.22
C GLY B 163 15.02 10.36 9.02
N LYS C 27 -5.90 -6.20 20.47
CA LYS C 27 -4.85 -5.15 20.57
C LYS C 27 -3.53 -5.71 21.11
N VAL C 28 -3.18 -6.92 20.69
CA VAL C 28 -1.92 -7.54 21.09
C VAL C 28 -1.16 -7.93 19.83
N LEU C 29 0.09 -7.52 19.75
CA LEU C 29 0.96 -7.96 18.67
C LEU C 29 2.02 -8.90 19.26
N LYS C 30 1.95 -10.16 18.88
CA LYS C 30 2.86 -11.16 19.49
C LYS C 30 4.10 -11.22 18.63
N ILE C 31 5.28 -10.95 19.21
CA ILE C 31 6.55 -10.93 18.45
C ILE C 31 7.48 -12.06 18.92
N GLN C 32 8.02 -12.85 17.99
CA GLN C 32 9.03 -13.89 18.33
C GLN C 32 10.39 -13.45 17.84
N LEU C 33 11.37 -13.43 18.75
CA LEU C 33 12.72 -13.04 18.40
C LEU C 33 13.49 -14.33 18.14
N ARG C 34 13.93 -14.53 16.90
CA ARG C 34 14.45 -15.84 16.51
C ARG C 34 15.96 -16.00 16.65
N SER C 35 16.66 -14.92 16.98
CA SER C 35 18.12 -14.96 17.18
C SER C 35 18.57 -13.73 17.97
N ALA C 36 19.85 -13.72 18.34
CA ALA C 36 20.47 -12.54 18.94
C ALA C 36 20.54 -11.32 18.01
N SER C 37 20.34 -11.52 16.70
CA SER C 37 20.38 -10.39 15.74
C SER C 37 19.04 -9.71 15.49
N ALA C 38 17.97 -10.24 16.09
CA ALA C 38 16.66 -9.65 15.99
C ALA C 38 16.51 -8.45 16.92
N THR C 39 15.72 -7.45 16.48
CA THR C 39 15.29 -6.35 17.34
C THR C 39 13.75 -6.26 17.43
N VAL C 40 13.19 -6.13 18.63
CA VAL C 40 11.74 -5.92 18.76
C VAL C 40 11.40 -4.64 18.00
N PRO C 41 10.42 -4.69 17.09
CA PRO C 41 10.03 -3.43 16.41
C PRO C 41 9.58 -2.36 17.42
N THR C 42 9.69 -1.09 17.02
CA THR C 42 9.47 0.03 17.93
C THR C 42 8.67 1.15 17.27
N LYS C 43 7.82 1.82 18.04
N LYS C 43 7.79 1.78 18.04
CA LYS C 43 7.12 3.00 17.53
CA LYS C 43 7.16 3.02 17.61
C LYS C 43 7.99 4.25 17.58
C LYS C 43 8.22 4.10 17.44
N GLY C 44 8.05 4.97 16.45
CA GLY C 44 9.00 6.06 16.24
C GLY C 44 8.53 7.40 16.79
N SER C 45 7.25 7.48 17.17
CA SER C 45 6.67 8.65 17.88
C SER C 45 5.46 8.18 18.68
N ALA C 46 4.90 9.09 19.51
CA ALA C 46 3.78 8.78 20.39
C ALA C 46 2.61 8.11 19.71
N THR C 47 2.18 8.71 18.60
N THR C 47 2.18 8.72 18.60
CA THR C 47 1.04 8.17 17.86
CA THR C 47 1.02 8.24 17.84
C THR C 47 1.45 7.91 16.40
C THR C 47 1.42 7.86 16.40
N ALA C 48 2.61 7.27 16.26
CA ALA C 48 3.10 6.75 14.96
C ALA C 48 2.15 5.65 14.46
N ALA C 49 1.90 5.63 13.14
CA ALA C 49 1.08 4.61 12.52
C ALA C 49 1.72 3.22 12.63
N GLY C 50 3.06 3.18 12.63
CA GLY C 50 3.79 1.95 12.33
C GLY C 50 4.92 1.63 13.31
N TYR C 51 5.40 0.39 13.27
CA TYR C 51 6.51 -0.02 14.12
C TYR C 51 7.73 -0.19 13.23
N ASP C 52 8.85 0.42 13.59
CA ASP C 52 10.05 0.28 12.76
C ASP C 52 10.53 -1.17 12.78
N ILE C 53 10.94 -1.65 11.60
CA ILE C 53 11.48 -3.00 11.42
C ILE C 53 12.98 -2.94 11.19
N TYR C 54 13.73 -3.74 11.94
CA TYR C 54 15.20 -3.68 11.91
C TYR C 54 15.80 -4.84 11.13
N ALA C 55 16.76 -4.51 10.24
CA ALA C 55 17.58 -5.53 9.60
C ALA C 55 18.31 -6.35 10.67
N SER C 56 18.33 -7.67 10.50
CA SER C 56 19.16 -8.55 11.31
C SER C 56 20.45 -8.95 10.59
N GLN C 57 20.71 -8.36 9.41
CA GLN C 57 21.88 -8.72 8.58
C GLN C 57 22.38 -7.50 7.83
N ASP C 58 23.65 -7.48 7.43
CA ASP C 58 24.07 -6.51 6.41
C ASP C 58 23.71 -7.03 5.02
N ILE C 59 23.30 -6.14 4.13
CA ILE C 59 22.99 -6.50 2.75
C ILE C 59 22.99 -5.24 1.88
N THR C 60 23.23 -5.42 0.59
CA THR C 60 23.17 -4.33 -0.38
C THR C 60 21.95 -4.53 -1.29
N ILE C 61 21.16 -3.47 -1.45
CA ILE C 61 20.10 -3.49 -2.44
C ILE C 61 20.62 -2.78 -3.69
N PRO C 62 20.86 -3.54 -4.80
CA PRO C 62 21.50 -2.94 -5.99
C PRO C 62 20.66 -1.84 -6.59
N ALA C 63 21.29 -0.84 -7.20
CA ALA C 63 20.58 0.24 -7.92
C ALA C 63 19.70 -0.37 -9.00
N MET C 64 18.50 0.18 -9.19
N MET C 64 18.52 0.20 -9.22
CA MET C 64 17.53 -0.31 -10.19
CA MET C 64 17.57 -0.35 -10.19
C MET C 64 17.21 -1.81 -10.05
C MET C 64 17.44 -1.85 -10.06
N GLY C 65 17.31 -2.31 -8.82
CA GLY C 65 17.20 -3.71 -8.51
C GLY C 65 16.45 -3.89 -7.22
N GLN C 66 16.62 -5.04 -6.61
CA GLN C 66 15.81 -5.38 -5.44
C GLN C 66 16.55 -6.38 -4.59
N GLY C 67 16.06 -6.57 -3.38
CA GLY C 67 16.69 -7.49 -2.45
C GLY C 67 15.73 -7.83 -1.33
N MET C 68 16.16 -8.74 -0.45
CA MET C 68 15.32 -9.17 0.66
C MET C 68 16.16 -9.06 1.91
N VAL C 69 15.62 -8.38 2.91
CA VAL C 69 16.32 -8.15 4.18
C VAL C 69 15.76 -9.08 5.24
N SER C 70 16.65 -9.76 5.94
N SER C 70 16.65 -9.78 5.94
CA SER C 70 16.27 -10.62 7.06
CA SER C 70 16.22 -10.64 7.05
C SER C 70 15.92 -9.76 8.27
C SER C 70 15.94 -9.79 8.27
N THR C 71 15.03 -10.29 9.11
CA THR C 71 14.68 -9.62 10.37
C THR C 71 14.92 -10.54 11.58
N ASP C 72 14.98 -11.86 11.35
CA ASP C 72 15.01 -12.87 12.40
C ASP C 72 13.83 -12.68 13.40
N ILE C 73 12.70 -12.12 12.93
CA ILE C 73 11.49 -12.11 13.76
C ILE C 73 10.32 -12.78 13.05
N SER C 74 9.37 -13.24 13.86
CA SER C 74 8.08 -13.70 13.39
C SER C 74 7.04 -12.95 14.23
N PHE C 75 5.82 -12.79 13.73
CA PHE C 75 4.80 -12.18 14.55
C PHE C 75 3.41 -12.61 14.13
N THR C 76 2.47 -12.49 15.08
CA THR C 76 1.07 -12.72 14.81
C THR C 76 0.35 -11.43 15.10
N VAL C 77 -0.21 -10.85 14.05
CA VAL C 77 -0.98 -9.62 14.13
C VAL C 77 -2.34 -9.89 14.75
N PRO C 78 -2.97 -8.85 15.33
CA PRO C 78 -4.27 -9.02 15.99
C PRO C 78 -5.33 -9.43 15.00
N VAL C 79 -6.36 -10.09 15.51
CA VAL C 79 -7.53 -10.46 14.70
C VAL C 79 -8.09 -9.22 14.01
N GLY C 80 -8.54 -9.39 12.76
CA GLY C 80 -9.09 -8.32 11.93
C GLY C 80 -8.07 -7.36 11.31
N THR C 81 -6.79 -7.75 11.35
CA THR C 81 -5.69 -6.97 10.72
C THR C 81 -4.79 -7.90 9.88
N TYR C 82 -3.98 -7.32 9.01
CA TYR C 82 -2.77 -7.99 8.51
C TYR C 82 -1.60 -7.04 8.78
N GLY C 83 -0.38 -7.53 8.63
CA GLY C 83 0.80 -6.71 8.86
C GLY C 83 1.28 -6.25 7.50
N ARG C 84 1.17 -4.94 7.29
CA ARG C 84 1.67 -4.33 6.08
C ARG C 84 3.08 -3.85 6.30
N ILE C 85 4.00 -4.33 5.47
N ILE C 85 4.02 -4.38 5.51
CA ILE C 85 5.37 -3.85 5.46
CA ILE C 85 5.36 -3.84 5.52
C ILE C 85 5.46 -2.63 4.56
C ILE C 85 5.35 -2.64 4.58
N ALA C 86 5.48 -1.46 5.18
CA ALA C 86 5.36 -0.20 4.47
C ALA C 86 6.70 0.52 4.47
N PRO C 87 6.87 1.52 3.56
CA PRO C 87 8.18 2.16 3.48
C PRO C 87 8.47 3.17 4.58
N ARG C 88 9.75 3.28 4.93
CA ARG C 88 10.24 4.41 5.71
C ARG C 88 10.35 5.60 4.78
N SER C 89 9.91 6.77 5.23
N SER C 89 9.92 6.77 5.23
CA SER C 89 9.84 7.95 4.37
CA SER C 89 9.86 7.95 4.36
C SER C 89 11.21 8.50 3.92
C SER C 89 11.23 8.47 3.92
N GLY C 90 12.17 8.59 4.85
CA GLY C 90 13.50 9.09 4.54
C GLY C 90 14.22 8.21 3.49
N LEU C 91 14.11 6.89 3.62
CA LEU C 91 14.78 5.98 2.66
C LEU C 91 14.19 6.13 1.26
N ALA C 92 12.89 6.39 1.18
CA ALA C 92 12.24 6.61 -0.11
C ALA C 92 12.81 7.88 -0.79
N VAL C 93 12.84 8.98 -0.03
CA VAL C 93 13.33 10.27 -0.57
C VAL C 93 14.85 10.29 -0.79
N LYS C 94 15.61 9.80 0.19
CA LYS C 94 17.05 9.87 0.12
C LYS C 94 17.68 8.78 -0.78
N ASN C 95 17.06 7.60 -0.80
CA ASN C 95 17.73 6.42 -1.36
C ASN C 95 16.96 5.71 -2.46
N GLY C 96 15.73 6.15 -2.71
CA GLY C 96 14.88 5.58 -3.76
C GLY C 96 14.33 4.23 -3.38
N ILE C 97 14.26 3.99 -2.07
CA ILE C 97 13.85 2.69 -1.56
C ILE C 97 12.34 2.63 -1.42
N GLN C 98 11.77 1.53 -1.88
CA GLN C 98 10.34 1.28 -1.82
C GLN C 98 10.17 -0.18 -1.34
N THR C 99 9.22 -0.43 -0.43
CA THR C 99 8.93 -1.82 -0.07
C THR C 99 8.20 -2.51 -1.22
N GLY C 100 8.46 -3.81 -1.40
CA GLY C 100 7.74 -4.62 -2.35
C GLY C 100 6.96 -5.64 -1.53
N ALA C 101 6.17 -6.45 -2.23
CA ALA C 101 5.33 -7.45 -1.60
C ALA C 101 4.57 -6.77 -0.45
N GLY C 102 4.77 -7.20 0.79
CA GLY C 102 4.40 -6.34 1.93
C GLY C 102 3.19 -6.79 2.69
N VAL C 103 2.57 -7.89 2.24
CA VAL C 103 1.38 -8.39 2.90
C VAL C 103 1.74 -9.59 3.80
N VAL C 104 1.79 -9.38 5.11
CA VAL C 104 2.05 -10.51 6.06
C VAL C 104 0.74 -11.01 6.62
N ASP C 105 0.39 -12.25 6.30
CA ASP C 105 -0.90 -12.81 6.74
C ASP C 105 -0.86 -13.13 8.22
N ARG C 106 -2.04 -13.08 8.86
CA ARG C 106 -2.14 -13.38 10.29
C ARG C 106 -1.78 -14.83 10.63
N ASP C 107 -1.90 -15.74 9.66
CA ASP C 107 -1.52 -17.15 9.93
C ASP C 107 -0.05 -17.49 9.60
N TYR C 108 0.74 -16.49 9.23
CA TYR C 108 2.15 -16.73 8.92
C TYR C 108 3.00 -16.82 10.16
N THR C 109 3.77 -17.92 10.27
CA THR C 109 4.60 -18.15 11.44
C THR C 109 6.09 -18.22 11.04
N GLY C 110 6.39 -17.94 9.77
CA GLY C 110 7.77 -18.01 9.34
C GLY C 110 8.48 -16.73 9.72
N GLU C 111 9.76 -16.63 9.36
CA GLU C 111 10.48 -15.36 9.53
C GLU C 111 9.95 -14.35 8.55
N VAL C 112 9.57 -13.19 9.07
CA VAL C 112 9.13 -12.07 8.24
C VAL C 112 10.33 -11.46 7.48
N LYS C 113 10.17 -11.30 6.16
CA LYS C 113 11.19 -10.73 5.28
C LYS C 113 10.72 -9.38 4.72
N VAL C 114 11.66 -8.44 4.65
CA VAL C 114 11.42 -7.16 4.02
C VAL C 114 11.94 -7.20 2.59
N VAL C 115 11.01 -7.04 1.65
CA VAL C 115 11.37 -7.00 0.24
C VAL C 115 11.59 -5.53 -0.12
N LEU C 116 12.77 -5.22 -0.67
CA LEU C 116 13.07 -3.84 -1.06
C LEU C 116 13.39 -3.67 -2.53
N PHE C 117 12.71 -2.71 -3.17
CA PHE C 117 13.10 -2.22 -4.50
C PHE C 117 13.91 -0.95 -4.33
N ASN C 118 14.99 -0.85 -5.08
CA ASN C 118 15.81 0.35 -5.17
C ASN C 118 15.58 0.93 -6.56
N HIS C 119 14.84 2.04 -6.63
CA HIS C 119 14.53 2.67 -7.90
C HIS C 119 15.53 3.78 -8.22
N SER C 120 16.59 3.87 -7.44
CA SER C 120 17.59 4.91 -7.68
C SER C 120 18.75 4.35 -8.53
N GLN C 121 19.67 5.23 -8.90
CA GLN C 121 20.88 4.83 -9.64
C GLN C 121 22.04 4.48 -8.72
N ARG C 122 21.80 4.44 -7.41
CA ARG C 122 22.86 4.16 -6.43
C ARG C 122 22.52 2.92 -5.60
N ASP C 123 23.49 2.02 -5.45
CA ASP C 123 23.40 0.91 -4.50
C ASP C 123 23.07 1.38 -3.08
N PHE C 124 22.25 0.61 -2.39
CA PHE C 124 21.85 0.99 -1.02
C PHE C 124 22.39 -0.01 -0.01
N ALA C 125 23.29 0.43 0.86
CA ALA C 125 23.83 -0.48 1.88
C ALA C 125 22.98 -0.45 3.18
N ILE C 126 22.68 -1.64 3.69
CA ILE C 126 21.95 -1.80 4.92
C ILE C 126 22.90 -2.50 5.87
N LYS C 127 22.93 -2.06 7.14
CA LYS C 127 23.72 -2.72 8.16
C LYS C 127 22.81 -3.36 9.14
N LYS C 128 23.24 -4.45 9.76
CA LYS C 128 22.46 -5.08 10.80
C LYS C 128 22.05 -4.01 11.84
N GLY C 129 20.77 -4.00 12.20
CA GLY C 129 20.25 -2.99 13.13
C GLY C 129 19.66 -1.72 12.53
N ASP C 130 19.81 -1.50 11.21
CA ASP C 130 19.18 -0.32 10.56
C ASP C 130 17.68 -0.57 10.48
N ARG C 131 16.90 0.49 10.60
CA ARG C 131 15.45 0.43 10.37
C ARG C 131 15.22 0.52 8.87
N VAL C 132 14.61 -0.51 8.28
CA VAL C 132 14.53 -0.66 6.83
C VAL C 132 13.11 -0.57 6.30
N ALA C 133 12.13 -0.52 7.23
CA ALA C 133 10.73 -0.47 6.86
C ALA C 133 9.91 -0.23 8.11
N GLN C 134 8.59 -0.16 7.95
CA GLN C 134 7.73 -0.09 9.14
C GLN C 134 6.56 -1.07 9.04
N LEU C 135 6.16 -1.66 10.17
CA LEU C 135 5.00 -2.60 10.18
C LEU C 135 3.75 -1.81 10.52
N ILE C 136 2.68 -1.90 9.70
CA ILE C 136 1.41 -1.25 10.01
C ILE C 136 0.36 -2.35 10.17
N LEU C 137 -0.41 -2.27 11.26
CA LEU C 137 -1.47 -3.24 11.51
C LEU C 137 -2.75 -2.71 10.88
N GLU C 138 -2.90 -3.02 9.59
CA GLU C 138 -3.98 -2.50 8.73
C GLU C 138 -5.22 -3.28 9.10
N LYS C 139 -6.31 -2.59 9.40
CA LYS C 139 -7.56 -3.24 9.69
C LYS C 139 -8.23 -3.58 8.36
N ILE C 140 -8.76 -4.80 8.31
CA ILE C 140 -9.34 -5.35 7.08
C ILE C 140 -10.57 -6.14 7.41
N VAL C 141 -11.40 -6.39 6.40
CA VAL C 141 -12.48 -7.37 6.56
C VAL C 141 -11.89 -8.73 6.14
N ASP C 142 -11.56 -9.59 7.08
CA ASP C 142 -10.96 -10.86 6.69
C ASP C 142 -11.95 -12.03 6.80
N ASP C 143 -13.24 -11.73 6.91
CA ASP C 143 -14.24 -12.78 7.03
C ASP C 143 -15.46 -12.53 6.12
N ALA C 144 -15.20 -11.95 4.95
CA ALA C 144 -16.27 -11.65 4.01
C ALA C 144 -16.83 -12.95 3.43
N GLN C 145 -18.09 -12.90 3.02
CA GLN C 145 -18.64 -13.93 2.18
C GLN C 145 -18.49 -13.45 0.75
N ILE C 146 -17.79 -14.23 -0.06
CA ILE C 146 -17.66 -13.86 -1.45
C ILE C 146 -18.85 -14.45 -2.22
N VAL C 147 -19.61 -13.60 -2.87
CA VAL C 147 -20.84 -14.07 -3.51
C VAL C 147 -20.96 -13.61 -4.96
N VAL C 148 -21.35 -14.53 -5.83
CA VAL C 148 -21.40 -14.24 -7.26
C VAL C 148 -22.78 -13.66 -7.60
N VAL C 149 -22.80 -12.48 -8.20
CA VAL C 149 -24.09 -11.82 -8.55
C VAL C 149 -24.19 -11.57 -10.05
N ASP C 150 -25.42 -11.37 -10.54
CA ASP C 150 -25.62 -11.14 -11.97
C ASP C 150 -25.18 -9.71 -12.34
N SER C 151 -25.48 -8.75 -11.48
CA SER C 151 -25.06 -7.34 -11.66
C SER C 151 -24.88 -6.61 -10.33
N LEU C 152 -24.07 -5.57 -10.37
CA LEU C 152 -23.84 -4.73 -9.20
C LEU C 152 -24.84 -3.57 -9.13
N GLU C 153 -25.00 -3.01 -7.93
N GLU C 153 -25.03 -3.01 -7.94
CA GLU C 153 -25.75 -1.76 -7.73
CA GLU C 153 -25.91 -1.84 -7.81
C GLU C 153 -25.28 -0.66 -8.68
C GLU C 153 -25.35 -0.62 -8.55
N GLU C 154 -26.23 0.03 -9.31
CA GLU C 154 -25.85 1.11 -10.21
C GLU C 154 -25.36 2.28 -9.37
N SER C 155 -24.26 2.89 -9.79
CA SER C 155 -23.71 4.07 -9.11
C SER C 155 -23.54 5.23 -10.10
N ALA C 156 -23.38 6.45 -9.57
CA ALA C 156 -23.01 7.61 -10.38
C ALA C 156 -21.64 7.37 -11.03
N ARG C 157 -20.68 6.85 -10.25
CA ARG C 157 -19.32 6.59 -10.80
C ARG C 157 -19.40 5.60 -11.99
N GLY C 158 -20.23 4.56 -11.82
CA GLY C 158 -20.35 3.48 -12.82
C GLY C 158 -19.00 2.84 -13.15
N ALA C 159 -18.77 2.69 -14.46
CA ALA C 159 -17.57 2.08 -15.02
C ALA C 159 -16.44 3.11 -15.18
N GLY C 160 -16.63 4.30 -14.62
CA GLY C 160 -15.63 5.37 -14.77
C GLY C 160 -14.37 5.03 -14.00
N GLY C 161 -13.27 4.84 -14.73
CA GLY C 161 -11.98 4.43 -14.13
C GLY C 161 -10.77 4.97 -14.87
N PHE C 162 -9.67 5.15 -14.14
CA PHE C 162 -8.42 5.64 -14.74
C PHE C 162 -8.61 6.98 -15.48
N GLY C 163 -9.40 7.88 -14.89
CA GLY C 163 -9.72 9.15 -15.56
C GLY C 163 -8.60 10.19 -15.48
#